data_7MQ7
#
_entry.id   7MQ7
#
_cell.length_a   69.070
_cell.length_b   69.070
_cell.length_c   211.803
_cell.angle_alpha   90.000
_cell.angle_beta   90.000
_cell.angle_gamma   90.000
#
_symmetry.space_group_name_H-M   'P 43 21 2'
#
loop_
_entity.id
_entity.type
_entity.pdbx_description
1 polymer 'Maltodextrin-binding protein'
2 branched alpha-D-glucopyranose-(1-4)-beta-D-glucopyranose
3 non-polymer 'SULFATE ION'
4 non-polymer 'CHLORIDE ION'
5 water water
#
_entity_poly.entity_id   1
_entity_poly.type   'polypeptide(L)'
_entity_poly.pdbx_seq_one_letter_code
;MKIEEGKLVIWINGDKGYNGLAEVGKKFEKDTGIKVTVEHPDKLEEKFPQVAATGDGPDIIFWAHDRFGGYAQSGLLAEI
TPDKAFQDKLYPFTWDAVRYNGKLIAYPIAVEALSLIYNKDLLPNPPKTWEEIPALDKELKAKGKSALMFNLQEPYFTWP
LIAADGGYAFKYENGKYDIKDVGVDNAGAKAGLTFLVDLIKNKHMNADTDYSIAEAAFNKGETAMTINGPWAWSNIDTSK
VNYGVTVLPTFKGQPSKPFVGVLSAGINAASPNKELAKEFLENYLLTDEGLEAVNKDKPLGAVALKSYEEELAKDPRIAA
TMENAQKGEIMPNIPQMSAFWYAVRTAVINAASGRQTVDEALKDAQTRITKLS
;
_entity_poly.pdbx_strand_id   A
#
loop_
_chem_comp.id
_chem_comp.type
_chem_comp.name
_chem_comp.formula
BGC D-saccharide, beta linking beta-D-glucopyranose 'C6 H12 O6'
CL non-polymer 'CHLORIDE ION' 'Cl -1'
GLC D-saccharide, alpha linking alpha-D-glucopyranose 'C6 H12 O6'
SO4 non-polymer 'SULFATE ION' 'O4 S -2'
#
# COMPACT_ATOMS: atom_id res chain seq x y z
N MET A 1 -18.78 -16.85 -7.95
CA MET A 1 -18.73 -16.82 -9.41
C MET A 1 -17.65 -17.76 -9.93
N LYS A 2 -18.00 -18.62 -10.89
CA LYS A 2 -17.08 -19.63 -11.38
C LYS A 2 -16.20 -19.05 -12.48
N ILE A 3 -14.90 -19.34 -12.40
CA ILE A 3 -13.99 -18.99 -13.49
C ILE A 3 -14.42 -19.76 -14.73
N GLU A 4 -14.34 -19.13 -15.90
CA GLU A 4 -14.88 -19.73 -17.12
C GLU A 4 -14.06 -19.31 -18.34
N GLU A 5 -13.75 -20.27 -19.20
CA GLU A 5 -13.05 -19.95 -20.45
C GLU A 5 -13.91 -19.01 -21.27
N GLY A 6 -13.33 -17.90 -21.72
CA GLY A 6 -14.02 -16.95 -22.59
C GLY A 6 -14.60 -15.73 -21.89
N LYS A 7 -14.38 -15.61 -20.57
CA LYS A 7 -14.71 -14.44 -19.74
C LYS A 7 -13.54 -14.19 -18.81
N LEU A 8 -13.39 -12.94 -18.37
CA LEU A 8 -12.37 -12.57 -17.39
C LEU A 8 -13.02 -12.09 -16.09
N VAL A 9 -12.50 -12.61 -14.97
CA VAL A 9 -12.84 -12.14 -13.62
C VAL A 9 -11.61 -11.50 -13.01
N ILE A 10 -11.75 -10.27 -12.52
CA ILE A 10 -10.63 -9.52 -11.95
C ILE A 10 -11.00 -9.16 -10.51
N TRP A 11 -10.06 -9.36 -9.58
CA TRP A 11 -10.20 -8.95 -8.18
C TRP A 11 -9.26 -7.78 -7.91
N ILE A 12 -9.75 -6.75 -7.23
CA ILE A 12 -8.90 -5.63 -6.82
C ILE A 12 -9.46 -5.09 -5.51
N ASN A 13 -8.61 -4.44 -4.72
CA ASN A 13 -9.07 -4.02 -3.39
C ASN A 13 -10.07 -2.86 -3.49
N GLY A 14 -10.98 -2.80 -2.50
CA GLY A 14 -12.07 -1.84 -2.46
C GLY A 14 -11.64 -0.38 -2.36
N ASP A 15 -10.38 -0.09 -2.07
CA ASP A 15 -9.95 1.30 -2.02
C ASP A 15 -9.32 1.77 -3.33
N LYS A 16 -9.28 0.91 -4.35
CA LYS A 16 -8.72 1.24 -5.66
C LYS A 16 -9.84 1.56 -6.67
N GLY A 17 -9.41 1.99 -7.85
CA GLY A 17 -10.38 2.43 -8.85
C GLY A 17 -11.03 1.29 -9.61
N TYR A 18 -11.89 0.51 -8.96
CA TYR A 18 -12.43 -0.65 -9.67
C TYR A 18 -13.43 -0.25 -10.76
N ASN A 19 -14.04 0.93 -10.65
CA ASN A 19 -14.96 1.39 -11.67
C ASN A 19 -14.19 1.86 -12.90
N GLY A 20 -13.06 2.55 -12.69
CA GLY A 20 -12.19 2.88 -13.81
C GLY A 20 -11.66 1.63 -14.50
N LEU A 21 -11.26 0.63 -13.71
CA LEU A 21 -10.85 -0.64 -14.27
C LEU A 21 -11.98 -1.29 -15.08
N ALA A 22 -13.21 -1.26 -14.55
CA ALA A 22 -14.32 -1.84 -15.30
C ALA A 22 -14.50 -1.15 -16.65
N GLU A 23 -14.19 0.14 -16.74
CA GLU A 23 -14.30 0.83 -18.04
C GLU A 23 -13.29 0.28 -19.04
N VAL A 24 -12.07 -0.01 -18.58
CA VAL A 24 -11.09 -0.70 -19.42
C VAL A 24 -11.62 -2.06 -19.85
N GLY A 25 -12.23 -2.79 -18.91
CA GLY A 25 -12.88 -4.04 -19.26
C GLY A 25 -13.96 -3.86 -20.32
N LYS A 26 -14.66 -2.72 -20.30
CA LYS A 26 -15.71 -2.52 -21.30
C LYS A 26 -15.09 -2.32 -22.70
N LYS A 27 -13.95 -1.61 -22.76
CA LYS A 27 -13.27 -1.44 -24.04
C LYS A 27 -12.74 -2.77 -24.56
N PHE A 28 -12.18 -3.58 -23.66
CA PHE A 28 -11.75 -4.92 -24.02
C PHE A 28 -12.90 -5.72 -24.63
N GLU A 29 -14.06 -5.67 -23.97
CA GLU A 29 -15.22 -6.43 -24.47
C GLU A 29 -15.67 -5.91 -25.83
N LYS A 30 -15.60 -4.59 -26.01
CA LYS A 30 -15.97 -4.01 -27.31
C LYS A 30 -15.06 -4.52 -28.43
N ASP A 31 -13.77 -4.73 -28.12
CA ASP A 31 -12.84 -5.14 -29.17
C ASP A 31 -12.81 -6.64 -29.38
N THR A 32 -13.06 -7.42 -28.32
CA THR A 32 -12.81 -8.85 -28.31
C THR A 32 -14.05 -9.69 -28.13
N GLY A 33 -15.14 -9.10 -27.65
CA GLY A 33 -16.29 -9.90 -27.27
C GLY A 33 -16.20 -10.54 -25.89
N ILE A 34 -15.10 -10.34 -25.16
CA ILE A 34 -14.89 -11.00 -23.89
C ILE A 34 -15.39 -10.12 -22.76
N LYS A 35 -16.36 -10.61 -22.01
CA LYS A 35 -16.83 -9.88 -20.84
C LYS A 35 -15.78 -9.88 -19.73
N VAL A 36 -15.60 -8.73 -19.10
CA VAL A 36 -14.67 -8.57 -17.96
C VAL A 36 -15.48 -8.14 -16.74
N THR A 37 -15.47 -8.93 -15.70
CA THR A 37 -16.14 -8.59 -14.44
C THR A 37 -15.11 -8.23 -13.38
N VAL A 38 -15.22 -7.02 -12.83
CA VAL A 38 -14.32 -6.58 -11.77
C VAL A 38 -15.03 -6.70 -10.43
N GLU A 39 -14.39 -7.37 -9.47
CA GLU A 39 -14.93 -7.49 -8.12
C GLU A 39 -13.92 -6.97 -7.11
N HIS A 40 -14.41 -6.53 -5.96
CA HIS A 40 -13.56 -6.08 -4.85
C HIS A 40 -14.03 -6.75 -3.57
N PRO A 41 -13.87 -8.06 -3.46
CA PRO A 41 -14.27 -8.76 -2.23
C PRO A 41 -13.46 -8.32 -1.02
N ASP A 42 -14.03 -8.54 0.16
CA ASP A 42 -13.29 -8.29 1.37
C ASP A 42 -12.24 -9.38 1.55
N LYS A 43 -11.12 -9.00 2.18
CA LYS A 43 -10.02 -9.92 2.47
C LYS A 43 -9.65 -10.74 1.24
N LEU A 44 -9.61 -10.09 0.06
CA LEU A 44 -9.33 -10.87 -1.15
C LEU A 44 -7.92 -11.45 -1.12
N GLU A 45 -6.97 -10.76 -0.49
CA GLU A 45 -5.60 -11.26 -0.42
C GLU A 45 -5.51 -12.55 0.40
N GLU A 46 -6.46 -12.80 1.30
CA GLU A 46 -6.51 -14.03 2.10
C GLU A 46 -7.33 -15.13 1.43
N LYS A 47 -8.35 -14.76 0.66
CA LYS A 47 -9.22 -15.75 0.02
C LYS A 47 -8.60 -16.39 -1.22
N PHE A 48 -7.64 -15.71 -1.86
CA PHE A 48 -7.18 -16.15 -3.18
C PHE A 48 -6.65 -17.58 -3.21
N PRO A 49 -5.85 -18.06 -2.24
CA PRO A 49 -5.34 -19.44 -2.38
C PRO A 49 -6.44 -20.50 -2.53
N GLN A 50 -7.47 -20.44 -1.67
CA GLN A 50 -8.54 -21.44 -1.74
C GLN A 50 -9.26 -21.41 -3.07
N VAL A 51 -9.74 -20.23 -3.47
CA VAL A 51 -10.61 -20.17 -4.63
C VAL A 51 -9.86 -20.47 -5.92
N ALA A 52 -8.53 -20.24 -5.95
CA ALA A 52 -7.77 -20.68 -7.12
C ALA A 52 -7.95 -22.18 -7.36
N ALA A 53 -7.91 -22.96 -6.28
CA ALA A 53 -7.99 -24.41 -6.41
C ALA A 53 -9.41 -24.90 -6.54
N THR A 54 -10.37 -24.22 -5.92
CA THR A 54 -11.74 -24.65 -6.08
C THR A 54 -12.34 -24.21 -7.40
N GLY A 55 -11.80 -23.18 -8.05
CA GLY A 55 -12.38 -22.71 -9.31
C GLY A 55 -13.29 -21.50 -9.19
N ASP A 56 -13.37 -20.87 -8.01
CA ASP A 56 -14.27 -19.77 -7.72
C ASP A 56 -13.52 -18.45 -7.58
N GLY A 57 -12.38 -18.31 -8.25
CA GLY A 57 -11.51 -17.17 -8.00
C GLY A 57 -11.37 -16.34 -9.25
N PRO A 58 -10.46 -15.36 -9.22
CA PRO A 58 -10.29 -14.49 -10.38
C PRO A 58 -9.27 -15.07 -11.35
N ASP A 59 -9.42 -14.67 -12.63
CA ASP A 59 -8.34 -14.86 -13.57
C ASP A 59 -7.14 -14.00 -13.21
N ILE A 60 -7.41 -12.78 -12.75
CA ILE A 60 -6.40 -11.76 -12.51
C ILE A 60 -6.62 -11.22 -11.10
N ILE A 61 -5.55 -11.11 -10.33
CA ILE A 61 -5.65 -10.59 -8.96
C ILE A 61 -4.75 -9.38 -8.82
N PHE A 62 -5.30 -8.29 -8.28
CA PHE A 62 -4.53 -7.09 -7.97
C PHE A 62 -4.24 -7.00 -6.47
N TRP A 63 -2.97 -6.77 -6.15
CA TRP A 63 -2.57 -6.47 -4.78
C TRP A 63 -1.20 -5.83 -4.85
N ALA A 64 -0.77 -5.19 -3.75
CA ALA A 64 0.63 -4.82 -3.62
C ALA A 64 1.51 -6.06 -3.73
N HIS A 65 2.71 -5.88 -4.25
CA HIS A 65 3.56 -7.00 -4.61
C HIS A 65 4.04 -7.81 -3.41
N ASP A 66 3.88 -7.29 -2.17
CA ASP A 66 4.49 -8.00 -1.03
C ASP A 66 3.82 -9.34 -0.80
N ARG A 67 2.54 -9.49 -1.22
CA ARG A 67 1.82 -10.76 -1.04
C ARG A 67 2.21 -11.84 -2.05
N PHE A 68 2.94 -11.50 -3.11
CA PHE A 68 2.94 -12.40 -4.25
C PHE A 68 3.93 -13.55 -4.09
N GLY A 69 5.00 -13.36 -3.32
CA GLY A 69 5.93 -14.46 -3.11
C GLY A 69 5.28 -15.66 -2.45
N GLY A 70 4.45 -15.40 -1.42
CA GLY A 70 3.68 -16.49 -0.81
C GLY A 70 2.75 -17.16 -1.80
N TYR A 71 2.13 -16.36 -2.70
CA TYR A 71 1.30 -16.96 -3.75
C TYR A 71 2.15 -17.85 -4.66
N ALA A 72 3.31 -17.33 -5.09
CA ALA A 72 4.15 -18.09 -6.01
C ALA A 72 4.65 -19.36 -5.36
N GLN A 73 4.97 -19.29 -4.06
CA GLN A 73 5.43 -20.44 -3.32
C GLN A 73 4.40 -21.56 -3.36
N SER A 74 3.14 -21.19 -3.28
CA SER A 74 2.05 -22.16 -3.38
C SER A 74 1.64 -22.49 -4.85
N GLY A 75 2.39 -22.02 -5.85
CA GLY A 75 2.08 -22.32 -7.26
C GLY A 75 0.92 -21.56 -7.85
N LEU A 76 0.47 -20.48 -7.22
CA LEU A 76 -0.78 -19.87 -7.64
C LEU A 76 -0.67 -18.93 -8.85
N LEU A 77 0.54 -18.57 -9.27
CA LEU A 77 0.72 -17.45 -10.19
C LEU A 77 1.36 -17.96 -11.46
N ALA A 78 0.78 -17.57 -12.59
CA ALA A 78 1.38 -17.87 -13.88
C ALA A 78 2.64 -17.06 -14.06
N GLU A 79 3.69 -17.67 -14.61
CA GLU A 79 4.88 -16.90 -14.92
C GLU A 79 4.57 -15.88 -16.03
N ILE A 80 5.09 -14.67 -15.85
CA ILE A 80 4.88 -13.55 -16.76
C ILE A 80 6.13 -13.42 -17.63
N THR A 81 5.96 -13.43 -18.95
CA THR A 81 7.10 -13.42 -19.86
C THR A 81 6.88 -12.41 -20.97
N PRO A 82 6.96 -11.12 -20.66
CA PRO A 82 6.74 -10.13 -21.71
C PRO A 82 7.93 -10.07 -22.64
N ASP A 83 7.65 -9.77 -23.91
CA ASP A 83 8.72 -9.44 -24.86
C ASP A 83 9.48 -8.21 -24.38
N LYS A 84 10.71 -8.07 -24.88
CA LYS A 84 11.56 -6.96 -24.45
C LYS A 84 10.92 -5.63 -24.75
N ALA A 85 10.25 -5.51 -25.91
CA ALA A 85 9.56 -4.27 -26.25
C ALA A 85 8.55 -3.87 -25.18
N PHE A 86 7.79 -4.84 -24.65
CA PHE A 86 6.86 -4.45 -23.59
C PHE A 86 7.59 -4.20 -22.28
N GLN A 87 8.52 -5.08 -21.92
CA GLN A 87 9.29 -4.88 -20.68
C GLN A 87 9.87 -3.48 -20.60
N ASP A 88 10.42 -3.00 -21.71
CA ASP A 88 11.08 -1.72 -21.77
C ASP A 88 10.10 -0.58 -21.50
N LYS A 89 8.80 -0.84 -21.66
CA LYS A 89 7.83 0.21 -21.42
C LYS A 89 7.66 0.54 -19.93
N LEU A 90 8.03 -0.37 -19.02
CA LEU A 90 7.89 -0.14 -17.58
C LEU A 90 9.25 0.05 -16.91
N TYR A 91 9.26 0.80 -15.80
CA TYR A 91 10.52 1.02 -15.07
C TYR A 91 11.12 -0.29 -14.55
N PRO A 92 12.43 -0.52 -14.75
CA PRO A 92 13.04 -1.76 -14.23
C PRO A 92 12.80 -2.04 -12.75
N PHE A 93 12.76 -1.00 -11.90
CA PHE A 93 12.58 -1.28 -10.47
C PHE A 93 11.19 -1.82 -10.16
N THR A 94 10.20 -1.54 -11.02
CA THR A 94 8.89 -2.14 -10.79
C THR A 94 8.88 -3.62 -11.19
N TRP A 95 9.50 -3.99 -12.32
CA TRP A 95 9.69 -5.40 -12.63
C TRP A 95 10.41 -6.12 -11.49
N ASP A 96 11.41 -5.46 -10.87
CA ASP A 96 12.16 -6.08 -9.79
C ASP A 96 11.23 -6.48 -8.66
N ALA A 97 10.24 -5.63 -8.35
CA ALA A 97 9.36 -5.92 -7.21
C ALA A 97 8.50 -7.15 -7.46
N VAL A 98 8.30 -7.55 -8.73
CA VAL A 98 7.45 -8.70 -9.03
C VAL A 98 8.28 -9.90 -9.50
N ARG A 99 9.59 -9.89 -9.24
CA ARG A 99 10.44 -11.04 -9.55
C ARG A 99 10.59 -11.90 -8.31
N TYR A 100 10.40 -13.22 -8.46
CA TYR A 100 10.48 -14.14 -7.35
C TYR A 100 11.17 -15.42 -7.82
N ASN A 101 12.28 -15.76 -7.16
CA ASN A 101 13.11 -16.91 -7.52
C ASN A 101 13.31 -16.97 -9.03
N GLY A 102 13.69 -15.85 -9.62
CA GLY A 102 14.09 -15.86 -11.01
C GLY A 102 12.99 -15.74 -12.04
N LYS A 103 11.72 -15.68 -11.62
CA LYS A 103 10.60 -15.57 -12.53
C LYS A 103 9.84 -14.27 -12.25
N LEU A 104 9.35 -13.63 -13.31
CA LEU A 104 8.37 -12.56 -13.12
C LEU A 104 7.03 -13.20 -12.83
N ILE A 105 6.39 -12.80 -11.73
CA ILE A 105 5.16 -13.46 -11.29
C ILE A 105 3.96 -12.52 -11.33
N ALA A 106 4.10 -11.32 -11.87
CA ALA A 106 2.97 -10.41 -12.03
C ALA A 106 3.40 -9.28 -12.96
N TYR A 107 2.41 -8.49 -13.39
CA TYR A 107 2.66 -7.22 -14.03
C TYR A 107 2.61 -6.08 -13.00
N PRO A 108 3.66 -5.28 -12.90
CA PRO A 108 3.58 -4.08 -12.05
C PRO A 108 2.68 -3.02 -12.68
N ILE A 109 1.92 -2.35 -11.83
CA ILE A 109 0.97 -1.33 -12.25
C ILE A 109 1.40 0.06 -11.78
N ALA A 110 1.67 0.22 -10.47
CA ALA A 110 1.91 1.55 -9.96
C ALA A 110 2.62 1.48 -8.58
N VAL A 111 3.42 2.50 -8.30
CA VAL A 111 4.22 2.58 -7.08
C VAL A 111 3.46 3.41 -6.04
N GLU A 112 3.19 2.81 -4.87
CA GLU A 112 2.41 3.42 -3.80
C GLU A 112 3.32 3.75 -2.62
N ALA A 113 3.19 4.96 -2.09
CA ALA A 113 3.84 5.31 -0.82
C ALA A 113 2.95 6.26 -0.03
N LEU A 114 2.91 6.07 1.29
CA LEU A 114 2.16 7.00 2.13
C LEU A 114 2.81 8.39 2.14
N SER A 115 1.97 9.41 2.28
CA SER A 115 2.45 10.77 2.44
C SER A 115 1.70 11.42 3.60
N LEU A 116 2.20 12.56 4.06
CA LEU A 116 1.43 13.42 4.96
C LEU A 116 0.49 14.28 4.13
N ILE A 117 -0.81 14.18 4.39
CA ILE A 117 -1.83 14.99 3.74
C ILE A 117 -2.33 15.99 4.79
N TYR A 118 -2.44 17.26 4.41
CA TYR A 118 -2.73 18.31 5.37
C TYR A 118 -3.68 19.34 4.77
N ASN A 119 -4.53 19.86 5.65
CA ASN A 119 -5.54 20.88 5.34
C ASN A 119 -4.85 22.24 5.36
N LYS A 120 -4.73 22.84 4.17
CA LYS A 120 -3.99 24.09 4.01
C LYS A 120 -4.68 25.26 4.67
N ASP A 121 -6.01 25.18 4.82
CA ASP A 121 -6.71 26.25 5.53
C ASP A 121 -6.50 26.17 7.04
N LEU A 122 -6.53 24.96 7.61
CA LEU A 122 -6.30 24.83 9.04
C LEU A 122 -4.84 24.94 9.41
N LEU A 123 -3.96 24.63 8.46
CA LEU A 123 -2.54 24.37 8.77
C LEU A 123 -1.69 24.70 7.54
N PRO A 124 -1.49 25.98 7.28
CA PRO A 124 -0.67 26.34 6.10
C PRO A 124 0.77 25.86 6.17
N ASN A 125 1.37 25.75 7.37
CA ASN A 125 2.76 25.31 7.52
C ASN A 125 2.77 24.06 8.39
N PRO A 126 2.63 22.89 7.78
CA PRO A 126 2.52 21.66 8.59
C PRO A 126 3.84 21.34 9.29
N PRO A 127 3.79 20.59 10.39
CA PRO A 127 5.03 20.26 11.11
C PRO A 127 5.98 19.42 10.27
N LYS A 128 7.29 19.68 10.42
CA LYS A 128 8.30 18.84 9.82
C LYS A 128 8.60 17.58 10.65
N THR A 129 8.25 17.58 11.95
CA THR A 129 8.66 16.50 12.85
C THR A 129 7.47 15.90 13.59
N TRP A 130 7.64 14.63 13.99
CA TRP A 130 6.66 14.02 14.90
C TRP A 130 6.65 14.74 16.24
N GLU A 131 7.83 15.16 16.70
CA GLU A 131 7.93 15.77 18.03
C GLU A 131 7.09 17.03 18.14
N GLU A 132 6.85 17.72 17.01
CA GLU A 132 6.06 18.94 17.02
C GLU A 132 4.56 18.70 17.14
N ILE A 133 4.10 17.47 16.92
CA ILE A 133 2.67 17.22 16.79
C ILE A 133 1.90 17.38 18.11
N PRO A 134 2.41 16.96 19.29
CA PRO A 134 1.63 17.21 20.53
C PRO A 134 1.22 18.66 20.76
N ALA A 135 2.16 19.60 20.63
CA ALA A 135 1.82 21.00 20.89
C ALA A 135 0.90 21.54 19.82
N LEU A 136 1.09 21.10 18.57
CA LEU A 136 0.15 21.47 17.52
C LEU A 136 -1.25 20.99 17.84
N ASP A 137 -1.39 19.70 18.21
CA ASP A 137 -2.70 19.19 18.60
C ASP A 137 -3.32 20.03 19.72
N LYS A 138 -2.52 20.37 20.74
CA LYS A 138 -3.05 21.16 21.84
C LYS A 138 -3.67 22.46 21.34
N GLU A 139 -2.96 23.19 20.45
CA GLU A 139 -3.51 24.42 19.91
C GLU A 139 -4.81 24.16 19.14
N LEU A 140 -4.80 23.14 18.29
CA LEU A 140 -5.98 22.84 17.49
C LEU A 140 -7.15 22.39 18.36
N LYS A 141 -6.88 21.66 19.44
CA LYS A 141 -7.94 21.24 20.35
C LYS A 141 -8.70 22.44 20.91
N ALA A 142 -7.99 23.54 21.23
CA ALA A 142 -8.67 24.76 21.69
C ALA A 142 -9.56 25.39 20.62
N LYS A 143 -9.47 24.95 19.36
CA LYS A 143 -10.41 25.34 18.32
C LYS A 143 -11.38 24.22 17.97
N GLY A 144 -11.50 23.20 18.82
CA GLY A 144 -12.36 22.09 18.47
C GLY A 144 -11.91 21.29 17.26
N LYS A 145 -10.60 21.22 17.01
CA LYS A 145 -10.02 20.45 15.93
C LYS A 145 -8.93 19.54 16.49
N SER A 146 -8.38 18.66 15.65
CA SER A 146 -7.27 17.81 16.07
C SER A 146 -6.14 17.94 15.06
N ALA A 147 -4.93 17.55 15.47
CA ALA A 147 -3.79 17.64 14.56
C ALA A 147 -3.80 16.53 13.50
N LEU A 148 -3.99 15.28 13.93
CA LEU A 148 -3.62 14.16 13.07
C LEU A 148 -4.51 12.97 13.35
N MET A 149 -5.08 12.39 12.29
CA MET A 149 -5.79 11.12 12.41
C MET A 149 -5.45 10.23 11.22
N PHE A 150 -5.05 9.00 11.49
CA PHE A 150 -4.82 8.01 10.44
C PHE A 150 -5.19 6.63 10.98
N ASN A 151 -5.37 5.69 10.05
CA ASN A 151 -5.71 4.32 10.40
C ASN A 151 -4.69 3.65 11.32
N LEU A 152 -5.05 3.42 12.59
CA LEU A 152 -4.19 2.70 13.54
C LEU A 152 -4.44 1.21 13.57
N GLN A 153 -5.32 0.68 12.72
CA GLN A 153 -5.67 -0.74 12.76
C GLN A 153 -4.88 -1.57 11.75
N GLU A 154 -4.26 -0.93 10.76
CA GLU A 154 -3.43 -1.60 9.77
C GLU A 154 -2.01 -1.13 9.96
N PRO A 155 -1.09 -2.07 10.20
CA PRO A 155 0.30 -1.69 10.55
C PRO A 155 1.01 -0.97 9.44
N TYR A 156 0.50 -1.11 8.20
CA TYR A 156 1.00 -0.34 7.07
C TYR A 156 1.18 1.13 7.39
N PHE A 157 0.21 1.72 8.08
CA PHE A 157 0.19 3.16 8.32
C PHE A 157 1.12 3.59 9.46
N THR A 158 1.43 2.69 10.38
CA THR A 158 2.32 3.02 11.52
C THR A 158 3.78 2.67 11.23
N TRP A 159 4.00 1.73 10.32
CA TRP A 159 5.35 1.34 9.94
C TRP A 159 6.29 2.48 9.56
N PRO A 160 5.87 3.56 8.87
CA PRO A 160 6.87 4.60 8.55
C PRO A 160 7.52 5.20 9.81
N LEU A 161 6.76 5.30 10.89
CA LEU A 161 7.29 5.82 12.16
C LEU A 161 8.19 4.79 12.87
N ILE A 162 7.74 3.54 12.93
CA ILE A 162 8.53 2.46 13.52
C ILE A 162 9.87 2.33 12.82
N ALA A 163 9.88 2.47 11.50
CA ALA A 163 11.10 2.30 10.72
C ALA A 163 12.04 3.51 10.83
N ALA A 164 11.49 4.69 11.13
CA ALA A 164 12.26 5.94 11.07
C ALA A 164 13.60 5.85 11.79
N ASP A 165 13.58 5.41 13.05
CA ASP A 165 14.79 5.38 13.87
C ASP A 165 15.48 4.00 13.85
N GLY A 166 15.01 3.07 13.01
CA GLY A 166 15.75 1.83 12.85
C GLY A 166 15.00 0.51 12.74
N GLY A 167 13.68 0.50 12.92
CA GLY A 167 12.95 -0.75 12.73
C GLY A 167 13.05 -1.22 11.29
N TYR A 168 13.09 -2.55 11.11
CA TYR A 168 13.01 -3.12 9.78
C TYR A 168 12.33 -4.48 9.87
N ALA A 169 11.95 -5.01 8.71
CA ALA A 169 11.27 -6.30 8.62
C ALA A 169 12.32 -7.40 8.65
N PHE A 170 12.98 -7.59 7.52
CA PHE A 170 14.04 -8.58 7.36
C PHE A 170 15.27 -7.88 6.82
N LYS A 171 16.42 -8.18 7.44
CA LYS A 171 17.67 -7.56 7.04
C LYS A 171 18.02 -7.88 5.59
N TYR A 172 18.40 -6.87 4.84
CA TYR A 172 18.68 -7.05 3.43
C TYR A 172 20.17 -6.84 3.19
N GLU A 173 20.86 -7.87 2.70
CA GLU A 173 22.30 -7.79 2.49
C GLU A 173 22.70 -8.62 1.28
N ASN A 174 23.35 -7.99 0.30
CA ASN A 174 23.84 -8.67 -0.89
C ASN A 174 22.68 -9.32 -1.65
N GLY A 175 21.65 -8.51 -1.92
CA GLY A 175 20.57 -9.00 -2.73
C GLY A 175 19.70 -10.07 -2.11
N LYS A 176 19.88 -10.37 -0.81
CA LYS A 176 19.12 -11.42 -0.15
C LYS A 176 18.55 -10.92 1.17
N TYR A 177 17.33 -11.38 1.50
CA TYR A 177 16.75 -11.13 2.81
C TYR A 177 17.10 -12.27 3.76
N ASP A 178 17.66 -11.92 4.90
CA ASP A 178 17.98 -12.88 5.94
C ASP A 178 16.73 -13.07 6.78
N ILE A 179 16.00 -14.16 6.53
CA ILE A 179 14.73 -14.36 7.24
C ILE A 179 14.93 -14.59 8.72
N LYS A 180 16.15 -14.82 9.18
CA LYS A 180 16.42 -14.95 10.62
C LYS A 180 16.71 -13.62 11.30
N ASP A 181 16.89 -12.55 10.54
CA ASP A 181 17.29 -11.25 11.10
C ASP A 181 16.12 -10.28 10.94
N VAL A 182 15.30 -10.19 11.99
CA VAL A 182 14.07 -9.41 12.01
C VAL A 182 14.33 -8.16 12.86
N GLY A 183 13.84 -7.01 12.40
CA GLY A 183 14.08 -5.81 13.20
C GLY A 183 12.83 -5.16 13.78
N VAL A 184 11.90 -5.92 14.36
CA VAL A 184 10.70 -5.24 14.84
C VAL A 184 10.73 -4.94 16.33
N ASP A 185 11.74 -5.43 17.08
CA ASP A 185 11.89 -5.07 18.50
C ASP A 185 13.25 -4.46 18.82
N ASN A 186 13.94 -3.92 17.82
CA ASN A 186 15.19 -3.23 18.10
C ASN A 186 14.87 -1.84 18.66
N ALA A 187 15.93 -1.10 19.05
CA ALA A 187 15.73 0.19 19.72
C ALA A 187 14.96 1.16 18.84
N GLY A 188 15.30 1.18 17.54
CA GLY A 188 14.60 2.04 16.59
C GLY A 188 13.12 1.76 16.55
N ALA A 189 12.75 0.48 16.42
CA ALA A 189 11.33 0.13 16.37
C ALA A 189 10.62 0.53 17.66
N LYS A 190 11.25 0.20 18.81
CA LYS A 190 10.67 0.55 20.10
C LYS A 190 10.47 2.06 20.26
N ALA A 191 11.47 2.86 19.86
CA ALA A 191 11.33 4.32 20.00
C ALA A 191 10.16 4.86 19.17
N GLY A 192 10.02 4.40 17.92
CA GLY A 192 8.94 4.89 17.09
C GLY A 192 7.56 4.58 17.67
N LEU A 193 7.34 3.33 18.07
CA LEU A 193 6.02 2.94 18.56
C LEU A 193 5.75 3.55 19.94
N THR A 194 6.80 3.71 20.75
CA THR A 194 6.67 4.43 22.03
C THR A 194 6.16 5.84 21.80
N PHE A 195 6.71 6.53 20.81
CA PHE A 195 6.24 7.87 20.51
C PHE A 195 4.76 7.85 20.15
N LEU A 196 4.37 6.90 19.29
CA LEU A 196 2.96 6.79 18.90
C LEU A 196 2.08 6.51 20.11
N VAL A 197 2.46 5.53 20.92
CA VAL A 197 1.67 5.22 22.10
C VAL A 197 1.62 6.41 23.06
N ASP A 198 2.71 7.20 23.15
CA ASP A 198 2.68 8.39 24.03
C ASP A 198 1.71 9.44 23.52
N LEU A 199 1.63 9.62 22.19
CA LEU A 199 0.58 10.48 21.63
C LEU A 199 -0.78 10.06 22.13
N ILE A 200 -1.04 8.75 22.10
CA ILE A 200 -2.34 8.23 22.50
C ILE A 200 -2.56 8.46 24.00
N LYS A 201 -1.54 8.13 24.80
CA LYS A 201 -1.62 8.35 26.23
C LYS A 201 -1.99 9.79 26.53
N ASN A 202 -1.41 10.73 25.79
CA ASN A 202 -1.65 12.14 26.08
C ASN A 202 -2.84 12.69 25.30
N LYS A 203 -3.70 11.80 24.80
CA LYS A 203 -4.96 12.14 24.13
C LYS A 203 -4.73 13.06 22.93
N HIS A 204 -3.63 12.87 22.21
CA HIS A 204 -3.42 13.53 20.94
C HIS A 204 -3.80 12.61 19.77
N MET A 205 -4.08 11.35 20.05
CA MET A 205 -4.70 10.44 19.09
C MET A 205 -5.53 9.44 19.87
N ASN A 206 -6.42 8.76 19.17
CA ASN A 206 -7.32 7.76 19.73
C ASN A 206 -6.98 6.39 19.16
N ALA A 207 -6.76 5.42 20.05
CA ALA A 207 -6.33 4.07 19.66
C ALA A 207 -7.30 3.40 18.70
N ASP A 208 -8.57 3.81 18.71
CA ASP A 208 -9.64 3.20 17.95
C ASP A 208 -9.74 3.71 16.51
N THR A 209 -9.02 4.75 16.16
CA THR A 209 -9.16 5.32 14.82
C THR A 209 -8.76 4.32 13.75
N ASP A 210 -9.65 4.14 12.76
CA ASP A 210 -9.44 3.25 11.63
C ASP A 210 -9.50 4.04 10.32
N TYR A 211 -9.52 3.32 9.19
CA TYR A 211 -9.45 4.00 7.91
C TYR A 211 -10.64 4.93 7.72
N SER A 212 -11.87 4.41 7.93
CA SER A 212 -13.11 5.18 7.75
C SER A 212 -13.14 6.42 8.63
N ILE A 213 -12.78 6.25 9.91
CA ILE A 213 -12.87 7.34 10.86
C ILE A 213 -11.88 8.44 10.50
N ALA A 214 -10.65 8.06 10.18
CA ALA A 214 -9.68 9.08 9.79
C ALA A 214 -10.07 9.76 8.48
N GLU A 215 -10.46 9.00 7.44
CA GLU A 215 -10.87 9.64 6.19
C GLU A 215 -12.03 10.60 6.39
N ALA A 216 -13.05 10.17 7.15
CA ALA A 216 -14.18 11.04 7.44
C ALA A 216 -13.76 12.31 8.16
N ALA A 217 -12.94 12.18 9.23
CA ALA A 217 -12.52 13.35 9.96
C ALA A 217 -11.74 14.32 9.07
N PHE A 218 -10.80 13.82 8.27
CA PHE A 218 -10.03 14.76 7.46
C PHE A 218 -10.91 15.40 6.39
N ASN A 219 -11.74 14.60 5.74
CA ASN A 219 -12.52 15.13 4.61
C ASN A 219 -13.67 16.02 5.08
N LYS A 220 -13.98 16.03 6.38
CA LYS A 220 -14.96 16.94 6.94
C LYS A 220 -14.32 18.15 7.61
N GLY A 221 -13.00 18.28 7.51
CA GLY A 221 -12.30 19.42 8.08
C GLY A 221 -12.17 19.39 9.58
N GLU A 222 -12.21 18.20 10.19
CA GLU A 222 -12.19 18.09 11.64
C GLU A 222 -10.77 17.85 12.20
N THR A 223 -9.87 17.30 11.38
CA THR A 223 -8.48 17.08 11.77
C THR A 223 -7.59 17.71 10.72
N ALA A 224 -6.46 18.27 11.13
CA ALA A 224 -5.64 19.04 10.20
C ALA A 224 -4.79 18.18 9.28
N MET A 225 -4.59 16.90 9.62
CA MET A 225 -3.66 16.05 8.88
C MET A 225 -4.13 14.62 8.89
N THR A 226 -3.73 13.89 7.85
CA THR A 226 -3.91 12.44 7.82
C THR A 226 -2.68 11.85 7.15
N ILE A 227 -2.54 10.54 7.24
CA ILE A 227 -1.50 9.80 6.53
C ILE A 227 -2.22 8.80 5.62
N ASN A 228 -1.93 8.87 4.33
CA ASN A 228 -2.66 8.00 3.41
C ASN A 228 -1.95 7.98 2.07
N GLY A 229 -2.46 7.12 1.19
CA GLY A 229 -1.85 6.93 -0.11
C GLY A 229 -2.63 7.63 -1.21
N PRO A 230 -2.12 7.54 -2.44
CA PRO A 230 -2.72 8.29 -3.56
C PRO A 230 -4.17 7.94 -3.83
N TRP A 231 -4.60 6.71 -3.55
CA TRP A 231 -5.99 6.33 -3.78
C TRP A 231 -6.98 7.22 -3.03
N ALA A 232 -6.58 7.75 -1.87
CA ALA A 232 -7.49 8.55 -1.05
C ALA A 232 -7.76 9.94 -1.64
N TRP A 233 -6.90 10.43 -2.54
CA TRP A 233 -7.00 11.82 -3.02
C TRP A 233 -8.35 12.14 -3.66
N SER A 234 -8.99 11.20 -4.34
CA SER A 234 -10.20 11.58 -5.08
C SER A 234 -11.35 11.85 -4.12
N ASN A 235 -11.46 11.07 -3.03
CA ASN A 235 -12.47 11.42 -2.03
C ASN A 235 -12.17 12.77 -1.41
N ILE A 236 -10.90 13.16 -1.34
CA ILE A 236 -10.59 14.48 -0.79
C ILE A 236 -10.95 15.57 -1.79
N ASP A 237 -10.73 15.30 -3.08
CA ASP A 237 -11.20 16.22 -4.12
C ASP A 237 -12.70 16.50 -3.98
N THR A 238 -13.49 15.44 -3.82
CA THR A 238 -14.94 15.60 -3.75
C THR A 238 -15.35 16.46 -2.56
N SER A 239 -14.65 16.30 -1.43
CA SER A 239 -14.99 17.10 -0.25
C SER A 239 -14.58 18.56 -0.39
N LYS A 240 -13.77 18.91 -1.39
CA LYS A 240 -13.14 20.22 -1.57
C LYS A 240 -12.51 20.82 -0.32
N VAL A 241 -12.00 19.98 0.59
CA VAL A 241 -11.01 20.49 1.53
C VAL A 241 -9.80 20.96 0.74
N ASN A 242 -9.27 22.12 1.08
CA ASN A 242 -8.04 22.58 0.44
C ASN A 242 -6.85 21.84 1.07
N TYR A 243 -6.25 20.89 0.34
CA TYR A 243 -5.24 20.00 0.91
C TYR A 243 -3.94 20.01 0.13
N GLY A 244 -2.85 19.69 0.84
CA GLY A 244 -1.57 19.42 0.21
C GLY A 244 -1.08 18.03 0.59
N VAL A 245 -0.05 17.59 -0.14
CA VAL A 245 0.54 16.26 0.01
C VAL A 245 2.04 16.52 0.18
N THR A 246 2.62 16.04 1.29
CA THR A 246 3.99 16.45 1.59
C THR A 246 4.76 15.34 2.29
N VAL A 247 6.06 15.59 2.49
CA VAL A 247 6.94 14.64 3.16
C VAL A 247 6.42 14.30 4.56
N LEU A 248 6.56 13.03 4.95
CA LEU A 248 6.12 12.60 6.26
C LEU A 248 6.99 13.27 7.33
N PRO A 249 6.49 13.38 8.55
CA PRO A 249 7.33 13.97 9.61
C PRO A 249 8.55 13.12 9.93
N THR A 250 9.64 13.78 10.30
CA THR A 250 10.83 13.13 10.82
C THR A 250 10.66 12.73 12.30
N PHE A 251 11.50 11.80 12.74
CA PHE A 251 11.53 11.38 14.15
C PHE A 251 12.98 11.23 14.55
N LYS A 252 13.35 11.84 15.68
CA LYS A 252 14.75 11.90 16.11
C LYS A 252 15.66 12.40 14.97
N GLY A 253 15.14 13.36 14.20
CA GLY A 253 15.86 13.92 13.10
C GLY A 253 15.86 13.07 11.82
N GLN A 254 15.27 11.88 11.83
N GLN A 254 15.25 11.88 11.83
CA GLN A 254 15.36 10.91 10.74
CA GLN A 254 15.37 10.96 10.71
C GLN A 254 14.08 10.87 9.93
C GLN A 254 14.07 10.88 9.92
N PRO A 255 14.13 10.68 8.61
CA PRO A 255 12.90 10.66 7.83
C PRO A 255 12.06 9.44 8.20
N SER A 256 10.74 9.62 8.20
CA SER A 256 9.84 8.47 8.20
C SER A 256 10.13 7.61 6.98
N LYS A 257 10.01 6.28 7.13
CA LYS A 257 10.39 5.35 6.06
C LYS A 257 9.21 4.44 5.76
N PRO A 258 8.27 4.89 4.91
CA PRO A 258 7.12 4.03 4.57
C PRO A 258 7.58 2.82 3.77
N PHE A 259 6.84 1.72 3.96
CA PHE A 259 7.09 0.54 3.14
C PHE A 259 6.41 0.81 1.80
N VAL A 260 7.16 0.77 0.71
CA VAL A 260 6.62 1.08 -0.62
C VAL A 260 6.03 -0.18 -1.23
N GLY A 261 4.82 -0.07 -1.77
CA GLY A 261 4.16 -1.18 -2.45
C GLY A 261 4.06 -0.89 -3.94
N VAL A 262 4.23 -1.93 -4.74
CA VAL A 262 3.92 -1.88 -6.18
C VAL A 262 2.62 -2.66 -6.39
N LEU A 263 1.51 -1.92 -6.58
CA LEU A 263 0.27 -2.52 -7.05
C LEU A 263 0.59 -3.33 -8.29
N SER A 264 0.24 -4.61 -8.27
CA SER A 264 0.65 -5.51 -9.34
C SER A 264 -0.52 -6.41 -9.71
N ALA A 265 -0.54 -6.89 -10.96
CA ALA A 265 -1.60 -7.77 -11.47
C ALA A 265 -1.03 -9.16 -11.71
N GLY A 266 -1.46 -10.14 -10.93
CA GLY A 266 -1.03 -11.51 -11.12
C GLY A 266 -2.10 -12.29 -11.85
N ILE A 267 -1.66 -13.30 -12.61
CA ILE A 267 -2.56 -14.21 -13.34
C ILE A 267 -2.60 -15.54 -12.61
N ASN A 268 -3.81 -15.94 -12.23
CA ASN A 268 -4.08 -17.22 -11.62
C ASN A 268 -3.50 -18.34 -12.49
N ALA A 269 -2.61 -19.14 -11.87
CA ALA A 269 -1.92 -20.19 -12.63
C ALA A 269 -2.91 -21.17 -13.23
N ALA A 270 -4.07 -21.31 -12.60
CA ALA A 270 -5.10 -22.22 -13.07
C ALA A 270 -6.14 -21.55 -13.97
N SER A 271 -5.99 -20.26 -14.29
CA SER A 271 -6.97 -19.62 -15.19
C SER A 271 -7.00 -20.34 -16.53
N PRO A 272 -8.18 -20.59 -17.09
CA PRO A 272 -8.27 -21.06 -18.48
C PRO A 272 -8.12 -19.95 -19.51
N ASN A 273 -7.78 -18.74 -19.06
CA ASN A 273 -7.79 -17.52 -19.84
C ASN A 273 -6.46 -16.78 -19.77
N LYS A 274 -5.35 -17.50 -19.66
CA LYS A 274 -4.06 -16.85 -19.40
C LYS A 274 -3.70 -15.88 -20.51
N GLU A 275 -3.88 -16.32 -21.78
CA GLU A 275 -3.55 -15.45 -22.92
C GLU A 275 -4.47 -14.24 -22.97
N LEU A 276 -5.79 -14.43 -22.81
CA LEU A 276 -6.66 -13.26 -22.74
C LEU A 276 -6.21 -12.31 -21.63
N ALA A 277 -5.81 -12.87 -20.47
CA ALA A 277 -5.39 -12.00 -19.37
C ALA A 277 -4.18 -11.18 -19.76
N LYS A 278 -3.19 -11.83 -20.38
CA LYS A 278 -2.03 -11.09 -20.87
C LYS A 278 -2.43 -10.09 -21.94
N GLU A 279 -3.37 -10.48 -22.79
CA GLU A 279 -3.83 -9.57 -23.83
C GLU A 279 -4.46 -8.32 -23.21
N PHE A 280 -5.35 -8.51 -22.25
CA PHE A 280 -5.98 -7.39 -21.54
C PHE A 280 -4.93 -6.51 -20.86
N LEU A 281 -4.04 -7.12 -20.10
CA LEU A 281 -3.13 -6.34 -19.26
C LEU A 281 -2.10 -5.58 -20.10
N GLU A 282 -1.50 -6.26 -21.10
CA GLU A 282 -0.46 -5.63 -21.89
C GLU A 282 -1.03 -4.61 -22.88
N ASN A 283 -2.17 -4.92 -23.50
CA ASN A 283 -2.63 -4.06 -24.59
C ASN A 283 -3.76 -3.12 -24.21
N TYR A 284 -4.42 -3.32 -23.07
CA TYR A 284 -5.53 -2.46 -22.68
C TYR A 284 -5.27 -1.74 -21.36
N LEU A 285 -4.79 -2.44 -20.34
CA LEU A 285 -4.60 -1.73 -19.05
C LEU A 285 -3.30 -0.94 -19.04
N LEU A 286 -2.18 -1.59 -19.30
CA LEU A 286 -0.87 -0.92 -19.26
C LEU A 286 -0.63 -0.10 -20.54
N THR A 287 -1.53 0.87 -20.75
CA THR A 287 -1.40 1.89 -21.78
C THR A 287 -1.75 3.22 -21.14
N ASP A 288 -1.40 4.33 -21.81
CA ASP A 288 -1.80 5.64 -21.29
C ASP A 288 -3.31 5.69 -21.07
N GLU A 289 -4.08 5.22 -22.06
CA GLU A 289 -5.54 5.32 -21.94
C GLU A 289 -6.08 4.41 -20.85
N GLY A 290 -5.57 3.18 -20.73
CA GLY A 290 -6.10 2.30 -19.72
C GLY A 290 -5.77 2.79 -18.31
N LEU A 291 -4.54 3.21 -18.10
CA LEU A 291 -4.23 3.68 -16.74
C LEU A 291 -4.96 4.98 -16.42
N GLU A 292 -5.12 5.89 -17.41
CA GLU A 292 -5.86 7.13 -17.15
C GLU A 292 -7.28 6.85 -16.68
N ALA A 293 -7.97 5.86 -17.28
CA ALA A 293 -9.32 5.50 -16.84
C ALA A 293 -9.32 5.09 -15.37
N VAL A 294 -8.40 4.23 -14.97
CA VAL A 294 -8.31 3.84 -13.57
C VAL A 294 -7.92 5.05 -12.71
N ASN A 295 -6.87 5.77 -13.14
CA ASN A 295 -6.35 6.90 -12.37
C ASN A 295 -7.41 7.96 -12.11
N LYS A 296 -8.23 8.26 -13.13
CA LYS A 296 -9.34 9.21 -12.97
C LYS A 296 -10.33 8.74 -11.94
N ASP A 297 -10.50 7.43 -11.77
CA ASP A 297 -11.40 6.92 -10.73
C ASP A 297 -10.78 7.06 -9.33
N LYS A 298 -9.68 6.36 -9.07
CA LYS A 298 -8.89 6.54 -7.82
C LYS A 298 -7.42 6.63 -8.23
N PRO A 299 -6.72 7.70 -7.84
CA PRO A 299 -5.34 7.89 -8.31
C PRO A 299 -4.46 6.71 -7.93
N LEU A 300 -3.69 6.24 -8.92
CA LEU A 300 -2.84 5.06 -8.77
C LEU A 300 -1.52 5.34 -8.05
N GLY A 301 -1.05 6.59 -8.08
CA GLY A 301 0.31 6.85 -7.65
C GLY A 301 1.24 6.98 -8.85
N ALA A 302 2.50 6.58 -8.65
CA ALA A 302 3.54 6.69 -9.66
C ALA A 302 3.49 5.44 -10.53
N VAL A 303 2.79 5.53 -11.66
CA VAL A 303 2.51 4.33 -12.42
C VAL A 303 3.80 3.71 -12.98
N ALA A 304 3.74 2.41 -13.23
CA ALA A 304 4.94 1.74 -13.71
C ALA A 304 5.20 2.07 -15.18
N LEU A 305 4.18 2.54 -15.92
CA LEU A 305 4.31 2.77 -17.37
C LEU A 305 4.99 4.12 -17.62
N LYS A 306 6.15 4.07 -18.26
CA LYS A 306 7.00 5.26 -18.40
C LYS A 306 6.27 6.40 -19.10
N SER A 307 5.60 6.12 -20.22
CA SER A 307 4.98 7.19 -20.98
C SER A 307 3.96 7.97 -20.13
N TYR A 308 3.14 7.26 -19.36
CA TYR A 308 2.13 7.95 -18.59
C TYR A 308 2.74 8.60 -17.33
N GLU A 309 3.70 7.93 -16.69
CA GLU A 309 4.34 8.51 -15.51
C GLU A 309 5.06 9.81 -15.83
N GLU A 310 5.58 9.96 -17.05
CA GLU A 310 6.25 11.22 -17.37
C GLU A 310 5.28 12.38 -17.24
N GLU A 311 3.99 12.16 -17.54
CA GLU A 311 2.95 13.15 -17.30
C GLU A 311 2.62 13.26 -15.81
N LEU A 312 2.38 12.13 -15.15
CA LEU A 312 1.99 12.19 -13.74
C LEU A 312 3.07 12.80 -12.86
N ALA A 313 4.35 12.67 -13.24
CA ALA A 313 5.43 13.14 -12.38
C ALA A 313 5.40 14.66 -12.18
N LYS A 314 4.69 15.38 -13.03
CA LYS A 314 4.63 16.83 -12.92
C LYS A 314 3.68 17.30 -11.82
N ASP A 315 2.85 16.41 -11.30
CA ASP A 315 1.90 16.74 -10.22
C ASP A 315 2.64 16.75 -8.88
N PRO A 316 2.63 17.86 -8.15
CA PRO A 316 3.39 17.89 -6.88
C PRO A 316 2.95 16.83 -5.89
N ARG A 317 1.70 16.33 -5.98
CA ARG A 317 1.29 15.25 -5.09
C ARG A 317 2.02 13.96 -5.44
N ILE A 318 2.38 13.78 -6.71
CA ILE A 318 3.13 12.62 -7.13
C ILE A 318 4.61 12.77 -6.77
N ALA A 319 5.16 13.97 -6.94
CA ALA A 319 6.53 14.16 -6.50
C ALA A 319 6.65 13.93 -4.99
N ALA A 320 5.64 14.36 -4.20
CA ALA A 320 5.74 14.10 -2.75
C ALA A 320 5.65 12.60 -2.48
N THR A 321 4.82 11.91 -3.26
CA THR A 321 4.74 10.45 -3.13
C THR A 321 6.12 9.81 -3.32
N MET A 322 6.85 10.25 -4.36
CA MET A 322 8.12 9.62 -4.70
C MET A 322 9.22 10.02 -3.73
N GLU A 323 9.16 11.24 -3.19
CA GLU A 323 10.12 11.62 -2.17
C GLU A 323 9.95 10.75 -0.93
N ASN A 324 8.71 10.52 -0.51
CA ASN A 324 8.48 9.63 0.63
C ASN A 324 8.86 8.19 0.28
N ALA A 325 8.60 7.77 -0.96
CA ALA A 325 9.05 6.45 -1.38
C ALA A 325 10.56 6.34 -1.30
N GLN A 326 11.27 7.38 -1.71
CA GLN A 326 12.72 7.26 -1.79
C GLN A 326 13.31 7.17 -0.39
N LYS A 327 12.66 7.82 0.57
CA LYS A 327 13.07 7.78 1.97
C LYS A 327 12.70 6.47 2.63
N GLY A 328 11.69 5.77 2.10
CA GLY A 328 11.29 4.46 2.58
C GLY A 328 12.03 3.33 1.90
N GLU A 329 11.42 2.15 1.90
CA GLU A 329 11.99 1.03 1.17
C GLU A 329 10.91 0.17 0.52
N ILE A 330 11.25 -0.37 -0.64
CA ILE A 330 10.42 -1.36 -1.31
C ILE A 330 10.17 -2.54 -0.38
N MET A 331 8.91 -2.96 -0.27
CA MET A 331 8.62 -4.12 0.56
C MET A 331 9.28 -5.37 -0.01
N PRO A 332 9.68 -6.32 0.82
CA PRO A 332 10.03 -7.64 0.28
C PRO A 332 8.77 -8.28 -0.25
N ASN A 333 8.96 -9.24 -1.17
CA ASN A 333 7.84 -10.07 -1.62
C ASN A 333 7.93 -11.50 -1.11
N ILE A 334 8.88 -11.79 -0.22
CA ILE A 334 9.15 -13.17 0.23
C ILE A 334 7.94 -13.72 0.98
N PRO A 335 7.77 -15.03 1.05
CA PRO A 335 6.57 -15.59 1.71
C PRO A 335 6.40 -15.18 3.18
N GLN A 336 7.50 -14.93 3.89
CA GLN A 336 7.46 -14.54 5.31
C GLN A 336 6.76 -13.20 5.57
N MET A 337 6.44 -12.44 4.51
CA MET A 337 5.79 -11.14 4.73
C MET A 337 4.39 -11.27 5.34
N SER A 338 3.69 -12.37 5.09
CA SER A 338 2.38 -12.56 5.71
C SER A 338 2.49 -12.57 7.23
N ALA A 339 3.38 -13.41 7.74
CA ALA A 339 3.57 -13.51 9.19
C ALA A 339 4.08 -12.20 9.77
N PHE A 340 5.01 -11.55 9.07
CA PHE A 340 5.45 -10.22 9.47
C PHE A 340 4.28 -9.28 9.67
N TRP A 341 3.38 -9.16 8.67
CA TRP A 341 2.31 -8.18 8.80
C TRP A 341 1.32 -8.56 9.89
N TYR A 342 1.00 -9.86 10.03
CA TYR A 342 0.06 -10.27 11.06
C TYR A 342 0.61 -9.98 12.46
N ALA A 343 1.86 -10.31 12.68
CA ALA A 343 2.46 -10.15 14.01
C ALA A 343 2.60 -8.68 14.39
N VAL A 344 2.96 -7.84 13.41
CA VAL A 344 3.11 -6.40 13.67
C VAL A 344 1.74 -5.75 13.84
N ARG A 345 0.73 -6.20 13.07
CA ARG A 345 -0.65 -5.79 13.33
C ARG A 345 -1.01 -5.94 14.80
N THR A 346 -0.82 -7.15 15.34
CA THR A 346 -1.16 -7.41 16.73
C THR A 346 -0.37 -6.50 17.65
N ALA A 347 0.92 -6.33 17.38
CA ALA A 347 1.77 -5.55 18.26
C ALA A 347 1.33 -4.09 18.32
N VAL A 348 0.99 -3.50 17.17
CA VAL A 348 0.57 -2.10 17.18
C VAL A 348 -0.77 -1.95 17.88
N ILE A 349 -1.74 -2.83 17.55
CA ILE A 349 -3.05 -2.75 18.19
C ILE A 349 -2.95 -2.91 19.72
N ASN A 350 -2.13 -3.87 20.18
CA ASN A 350 -2.01 -4.13 21.63
C ASN A 350 -1.28 -3.01 22.36
N ALA A 351 -0.25 -2.45 21.74
CA ALA A 351 0.47 -1.34 22.36
C ALA A 351 -0.41 -0.11 22.43
N ALA A 352 -1.12 0.17 21.35
CA ALA A 352 -1.98 1.35 21.28
C ALA A 352 -3.15 1.22 22.25
N SER A 353 -3.67 0.01 22.43
CA SER A 353 -4.76 -0.21 23.37
C SER A 353 -4.31 -0.26 24.83
N GLY A 354 -3.02 -0.41 25.09
CA GLY A 354 -2.56 -0.64 26.44
C GLY A 354 -2.70 -2.07 26.91
N ARG A 355 -3.20 -2.95 26.07
CA ARG A 355 -3.25 -4.37 26.40
C ARG A 355 -1.87 -4.92 26.73
N GLN A 356 -0.83 -4.34 26.14
CA GLN A 356 0.55 -4.69 26.39
C GLN A 356 1.39 -3.43 26.42
N THR A 357 2.54 -3.48 27.09
CA THR A 357 3.51 -2.42 26.89
C THR A 357 4.09 -2.47 25.46
N VAL A 358 4.65 -1.35 25.01
CA VAL A 358 5.31 -1.32 23.71
C VAL A 358 6.39 -2.40 23.66
N ASP A 359 7.19 -2.48 24.73
CA ASP A 359 8.31 -3.41 24.75
C ASP A 359 7.84 -4.85 24.67
N GLU A 360 6.79 -5.21 25.41
CA GLU A 360 6.31 -6.60 25.33
C GLU A 360 5.61 -6.88 24.00
N ALA A 361 4.85 -5.92 23.48
CA ALA A 361 4.19 -6.11 22.20
C ALA A 361 5.20 -6.37 21.08
N LEU A 362 6.26 -5.56 21.04
CA LEU A 362 7.22 -5.77 19.96
C LEU A 362 8.08 -7.00 20.19
N LYS A 363 8.40 -7.30 21.45
CA LYS A 363 9.16 -8.53 21.73
C LYS A 363 8.38 -9.75 21.28
N ASP A 364 7.09 -9.82 21.59
CA ASP A 364 6.30 -10.97 21.18
C ASP A 364 6.21 -11.04 19.66
N ALA A 365 6.07 -9.89 19.01
CA ALA A 365 5.98 -9.90 17.54
C ALA A 365 7.29 -10.35 16.92
N GLN A 366 8.41 -9.83 17.44
CA GLN A 366 9.73 -10.27 17.01
C GLN A 366 9.88 -11.78 17.13
N THR A 367 9.45 -12.33 18.26
CA THR A 367 9.61 -13.76 18.49
C THR A 367 8.75 -14.58 17.54
N ARG A 368 7.47 -14.23 17.41
CA ARG A 368 6.60 -14.91 16.45
C ARG A 368 7.19 -14.90 15.04
N ILE A 369 7.57 -13.73 14.53
CA ILE A 369 8.10 -13.66 13.17
C ILE A 369 9.35 -14.52 13.03
N THR A 370 10.28 -14.40 13.98
CA THR A 370 11.52 -15.15 13.92
C THR A 370 11.27 -16.66 14.00
N LYS A 371 10.46 -17.10 14.96
CA LYS A 371 10.23 -18.53 15.08
C LYS A 371 9.53 -19.09 13.85
N LEU A 372 8.68 -18.30 13.21
CA LEU A 372 7.94 -18.74 12.03
C LEU A 372 8.78 -18.71 10.76
N SER A 373 9.97 -18.12 10.79
CA SER A 373 10.84 -18.06 9.61
C SER A 373 11.68 -19.33 9.49
C2 BGC B . -2.38 -0.56 -0.02
C3 BGC B . -1.69 -1.82 0.51
C4 BGC B . -1.70 -1.83 2.08
C5 BGC B . -3.08 -1.48 2.67
C6 BGC B . -3.12 -1.34 4.21
C1 BGC B . -3.73 -0.73 0.66
O1 BGC B . -4.77 -0.12 -0.02
O2 BGC B . -2.44 -0.57 -1.44
O3 BGC B . -0.37 -1.83 0.00
O4 BGC B . -1.47 -3.16 2.47
O5 BGC B . -3.58 -0.34 2.03
O6 BGC B . -4.47 -1.53 4.59
C1 GLC B . -0.14 -3.31 2.92
C2 GLC B . 0.38 -4.58 2.29
C3 GLC B . -0.45 -5.76 2.83
C4 GLC B . -0.36 -5.78 4.37
C5 GLC B . -0.85 -4.46 4.93
C6 GLC B . -0.64 -4.43 6.48
O2 GLC B . 0.29 -4.49 0.88
O3 GLC B . -0.02 -7.00 2.32
O4 GLC B . -1.19 -6.83 4.82
O5 GLC B . -0.15 -3.38 4.33
O6 GLC B . -1.31 -3.28 7.01
S SO4 C . -15.58 -2.21 -0.20
O1 SO4 C . -14.65 -1.08 -0.14
O2 SO4 C . -15.92 -2.60 1.17
O3 SO4 C . -16.80 -1.80 -0.91
O4 SO4 C . -14.96 -3.35 -0.88
S SO4 D . -17.71 -9.80 -0.59
O1 SO4 D . -16.52 -9.91 0.26
O2 SO4 D . -18.91 -9.99 0.22
O3 SO4 D . -17.76 -8.49 -1.24
O4 SO4 D . -17.63 -10.82 -1.63
S SO4 E . -19.89 1.46 -6.07
O1 SO4 E . -20.89 2.16 -5.28
O2 SO4 E . -19.39 0.30 -5.33
O3 SO4 E . -18.79 2.37 -6.38
O4 SO4 E . -20.50 1.00 -7.31
CL CL F . 3.19 -20.50 -15.52
CL CL G . 7.51 22.43 10.80
#